data_7T5C
#
_entry.id   7T5C
#
_cell.length_a   67.668
_cell.length_b   42.210
_cell.length_c   69.715
_cell.angle_alpha   90.000
_cell.angle_beta   98.910
_cell.angle_gamma   90.000
#
_symmetry.space_group_name_H-M   'P 1 21 1'
#
loop_
_entity.id
_entity.type
_entity.pdbx_description
1 polymer 'Lytic polysaccharide monooxygenase'
2 branched 2-acetamido-2-deoxy-beta-D-glucopyranose-(1-4)-2-acetamido-2-deoxy-beta-D-glucopyranose
3 branched alpha-D-mannopyranose-(1-4)-2-acetamido-2-deoxy-beta-D-glucopyranose-(1-4)-2-acetamido-2-deoxy-beta-D-glucopyranose
4 non-polymer 'COPPER (II) ION'
5 water water
#
_entity_poly.entity_id   1
_entity_poly.type   'polypeptide(L)'
_entity_poly.pdbx_seq_one_letter_code
;HTIFSSLEVNGVNQGLGEGVRVPTYNGPIEDVTSASIACNGSPNTVASTSKVITVQAGTNVTAIWRYMLSTTGDSPADVM
DSSHKGPTIAYLKKVDNAATASGVGNGWFKIQQDGMDSSGVWGTERVINGKGRHSIKIPECIAPGQYLLRAEMIALHAAS
NYPGAQFYMECAQLNVVGGTGAKTPSTVSFPGAYSGSDPGVKISIYWPPVTSYTVPGPSVFTC
;
_entity_poly.pdbx_strand_id   A,B
#
# COMPACT_ATOMS: atom_id res chain seq x y z
N HIS A 1 4.89 -5.32 -2.49
CA HIS A 1 3.77 -5.16 -3.44
C HIS A 1 3.80 -6.23 -4.53
N THR A 2 2.75 -7.03 -4.58
CA THR A 2 2.73 -8.24 -5.40
C THR A 2 1.31 -8.77 -5.43
N ILE A 3 1.00 -9.58 -6.44
CA ILE A 3 -0.31 -10.21 -6.60
C ILE A 3 -0.12 -11.66 -7.05
N PHE A 4 -0.78 -12.59 -6.36
CA PHE A 4 -0.96 -13.96 -6.85
C PHE A 4 -2.05 -13.86 -7.89
N SER A 5 -1.67 -13.79 -9.17
CA SER A 5 -2.64 -13.42 -10.19
C SER A 5 -3.03 -14.56 -11.13
N SER A 6 -2.38 -15.71 -11.06
CA SER A 6 -2.75 -16.87 -11.86
CA SER A 6 -2.73 -16.88 -11.88
C SER A 6 -2.21 -18.13 -11.19
N LEU A 7 -2.81 -19.28 -11.56
CA LEU A 7 -2.47 -20.57 -10.97
C LEU A 7 -2.10 -21.53 -12.09
N GLU A 8 -1.01 -22.27 -11.91
CA GLU A 8 -0.58 -23.29 -12.85
C GLU A 8 -0.86 -24.67 -12.26
N VAL A 9 -1.47 -25.55 -13.07
CA VAL A 9 -1.82 -26.90 -12.64
CA VAL A 9 -1.79 -26.90 -12.63
C VAL A 9 -1.43 -27.87 -13.75
N ASN A 10 -0.64 -28.90 -13.41
CA ASN A 10 -0.23 -29.93 -14.38
C ASN A 10 0.44 -29.28 -15.59
N GLY A 11 1.24 -28.24 -15.34
CA GLY A 11 1.98 -27.55 -16.38
C GLY A 11 1.21 -26.52 -17.17
N VAL A 12 -0.05 -26.24 -16.85
CA VAL A 12 -0.91 -25.37 -17.64
C VAL A 12 -1.33 -24.18 -16.78
N ASN A 13 -1.01 -22.97 -17.23
CA ASN A 13 -1.50 -21.77 -16.56
C ASN A 13 -2.98 -21.59 -16.85
N GLN A 14 -3.76 -21.36 -15.80
CA GLN A 14 -5.21 -21.31 -15.95
C GLN A 14 -5.72 -19.96 -16.42
N GLY A 15 -4.85 -18.95 -16.53
CA GLY A 15 -5.27 -17.68 -17.07
C GLY A 15 -5.20 -16.55 -16.07
N LEU A 16 -4.94 -15.33 -16.56
CA LEU A 16 -4.81 -14.18 -15.69
C LEU A 16 -6.13 -13.86 -15.01
N GLY A 17 -6.15 -13.94 -13.69
CA GLY A 17 -7.39 -13.70 -12.97
C GLY A 17 -8.48 -14.71 -13.22
N GLU A 18 -8.13 -15.88 -13.76
CA GLU A 18 -9.12 -16.89 -14.12
C GLU A 18 -9.05 -17.98 -13.07
N GLY A 19 -10.09 -18.07 -12.23
CA GLY A 19 -10.02 -18.97 -11.09
C GLY A 19 -9.26 -18.44 -9.90
N VAL A 20 -8.67 -17.25 -10.00
CA VAL A 20 -8.02 -16.55 -8.90
C VAL A 20 -8.71 -15.20 -8.78
N ARG A 21 -9.12 -14.85 -7.56
CA ARG A 21 -9.84 -13.61 -7.30
C ARG A 21 -8.83 -12.49 -7.09
N VAL A 22 -8.61 -11.67 -8.12
CA VAL A 22 -7.47 -10.76 -8.07
C VAL A 22 -7.89 -9.30 -7.80
N PRO A 23 -7.14 -8.60 -6.96
CA PRO A 23 -7.24 -7.14 -6.92
C PRO A 23 -6.48 -6.54 -8.08
N THR A 24 -6.84 -5.30 -8.45
N THR A 24 -6.84 -5.30 -8.41
CA THR A 24 -6.00 -4.61 -9.42
CA THR A 24 -6.05 -4.50 -9.35
C THR A 24 -4.87 -3.85 -8.73
C THR A 24 -4.85 -3.87 -8.66
N TYR A 25 -5.08 -3.46 -7.48
N TYR A 25 -5.03 -3.45 -7.41
CA TYR A 25 -4.03 -2.82 -6.70
CA TYR A 25 -3.98 -2.77 -6.67
C TYR A 25 -3.23 -3.87 -5.93
C TYR A 25 -3.22 -3.77 -5.83
N ASN A 26 -1.90 -3.73 -5.94
CA ASN A 26 -1.01 -4.72 -5.35
C ASN A 26 -0.61 -4.42 -3.91
N GLY A 27 -1.28 -3.49 -3.23
CA GLY A 27 -0.91 -3.13 -1.89
C GLY A 27 -1.34 -4.16 -0.86
N PRO A 28 -0.65 -4.19 0.27
CA PRO A 28 -0.91 -5.24 1.28
C PRO A 28 -2.10 -4.92 2.17
N ILE A 29 -2.64 -6.00 2.75
CA ILE A 29 -3.48 -5.89 3.93
C ILE A 29 -2.57 -5.76 5.14
N GLU A 30 -2.97 -4.91 6.11
CA GLU A 30 -2.13 -4.66 7.27
C GLU A 30 -2.81 -4.96 8.59
N ASP A 31 -4.13 -5.07 8.61
CA ASP A 31 -4.90 -5.35 9.82
C ASP A 31 -5.31 -6.82 9.81
N VAL A 32 -4.73 -7.62 10.70
CA VAL A 32 -5.03 -9.05 10.72
C VAL A 32 -6.43 -9.35 11.28
N THR A 33 -7.08 -8.37 11.89
CA THR A 33 -8.46 -8.57 12.36
C THR A 33 -9.50 -8.21 11.29
N SER A 34 -9.08 -7.66 10.16
CA SER A 34 -9.99 -7.29 9.10
C SER A 34 -10.49 -8.52 8.34
N ALA A 35 -11.74 -8.44 7.86
CA ALA A 35 -12.27 -9.47 6.98
C ALA A 35 -11.43 -9.61 5.71
N SER A 36 -10.72 -8.55 5.32
CA SER A 36 -9.86 -8.60 4.15
C SER A 36 -8.66 -9.54 4.31
N ILE A 37 -8.34 -9.98 5.53
CA ILE A 37 -7.19 -10.89 5.67
C ILE A 37 -7.46 -12.27 5.07
N ALA A 38 -8.72 -12.63 4.88
CA ALA A 38 -9.03 -13.97 4.36
C ALA A 38 -8.64 -14.08 2.89
N CYS A 39 -9.28 -13.29 2.03
CA CYS A 39 -9.08 -13.38 0.58
C CYS A 39 -8.84 -12.00 -0.02
N ASN A 40 -8.15 -11.12 0.72
CA ASN A 40 -7.96 -9.73 0.32
C ASN A 40 -9.29 -8.99 0.34
N GLY A 41 -9.29 -7.70 0.07
CA GLY A 41 -10.50 -6.91 0.11
C GLY A 41 -10.19 -5.47 0.46
N SER A 42 -11.24 -4.78 0.85
CA SER A 42 -11.12 -3.33 1.22
CA SER A 42 -11.12 -3.33 1.22
C SER A 42 -9.93 -3.06 2.20
N PRO A 43 -9.13 -2.00 1.91
CA PRO A 43 -9.46 -0.98 0.92
C PRO A 43 -8.99 -1.24 -0.53
N ASN A 44 -8.61 -2.47 -0.81
CA ASN A 44 -8.45 -2.95 -2.17
CA ASN A 44 -8.45 -2.91 -2.18
C ASN A 44 -9.82 -3.30 -2.74
N THR A 45 -9.87 -3.58 -4.04
CA THR A 45 -11.07 -4.10 -4.69
CA THR A 45 -11.07 -4.11 -4.67
C THR A 45 -10.70 -5.40 -5.38
N VAL A 46 -11.50 -6.45 -5.15
CA VAL A 46 -11.19 -7.79 -5.65
C VAL A 46 -12.22 -8.21 -6.68
N ALA A 47 -11.75 -8.69 -7.83
CA ALA A 47 -12.64 -9.16 -8.88
C ALA A 47 -13.17 -10.55 -8.56
N SER A 48 -14.33 -10.85 -9.11
CA SER A 48 -14.86 -12.20 -9.08
C SER A 48 -14.45 -12.94 -10.35
N THR A 49 -14.61 -14.27 -10.32
CA THR A 49 -14.30 -15.09 -11.48
C THR A 49 -15.16 -16.34 -11.43
N SER A 50 -15.71 -16.75 -12.58
CA SER A 50 -16.58 -17.93 -12.58
C SER A 50 -15.81 -19.21 -12.91
N LYS A 51 -14.49 -19.14 -13.05
CA LYS A 51 -13.72 -20.35 -13.30
C LYS A 51 -13.41 -21.06 -12.00
N VAL A 52 -13.66 -22.37 -11.96
CA VAL A 52 -13.25 -23.24 -10.87
C VAL A 52 -12.25 -24.22 -11.45
N ILE A 53 -11.05 -24.23 -10.88
CA ILE A 53 -9.89 -24.93 -11.42
C ILE A 53 -9.85 -26.36 -10.89
N THR A 54 -9.77 -27.34 -11.80
CA THR A 54 -9.67 -28.74 -11.38
C THR A 54 -8.22 -29.12 -11.07
N VAL A 55 -8.02 -29.83 -9.96
CA VAL A 55 -6.71 -30.35 -9.60
CA VAL A 55 -6.70 -30.35 -9.58
C VAL A 55 -6.88 -31.73 -8.96
N GLN A 56 -6.01 -32.66 -9.39
N GLN A 56 -6.04 -32.68 -9.43
CA GLN A 56 -5.96 -33.98 -8.80
CA GLN A 56 -6.03 -34.02 -8.82
C GLN A 56 -5.38 -33.91 -7.40
C GLN A 56 -5.43 -33.88 -7.42
N ALA A 57 -6.04 -34.54 -6.43
CA ALA A 57 -5.49 -34.58 -5.09
C ALA A 57 -4.15 -35.29 -5.08
N GLY A 58 -3.24 -34.82 -4.22
CA GLY A 58 -1.90 -35.38 -4.14
C GLY A 58 -0.89 -34.69 -5.02
N THR A 59 -1.33 -33.87 -5.97
CA THR A 59 -0.46 -33.17 -6.89
C THR A 59 -0.36 -31.71 -6.47
N ASN A 60 0.51 -30.97 -7.15
CA ASN A 60 0.81 -29.60 -6.78
C ASN A 60 0.10 -28.60 -7.68
N VAL A 61 -0.33 -27.49 -7.08
CA VAL A 61 -0.69 -26.29 -7.80
C VAL A 61 0.46 -25.31 -7.59
N THR A 62 0.68 -24.42 -8.56
CA THR A 62 1.74 -23.42 -8.44
C THR A 62 1.12 -22.04 -8.59
N ALA A 63 1.12 -21.29 -7.48
CA ALA A 63 0.73 -19.88 -7.53
C ALA A 63 1.80 -19.08 -8.24
N ILE A 64 1.39 -18.20 -9.15
CA ILE A 64 2.30 -17.42 -9.98
C ILE A 64 2.17 -15.96 -9.52
N TRP A 65 3.16 -15.50 -8.76
CA TRP A 65 3.16 -14.16 -8.19
C TRP A 65 3.77 -13.17 -9.18
N ARG A 66 3.14 -12.00 -9.28
CA ARG A 66 3.58 -10.95 -10.19
C ARG A 66 3.41 -9.59 -9.52
N TYR A 67 4.24 -8.63 -9.96
CA TYR A 67 4.20 -7.30 -9.35
C TYR A 67 2.84 -6.64 -9.53
N MET A 68 2.34 -6.60 -10.76
CA MET A 68 1.04 -6.02 -11.07
C MET A 68 0.30 -6.94 -12.05
N LEU A 69 -0.98 -6.64 -12.27
CA LEU A 69 -1.74 -7.44 -13.24
C LEU A 69 -1.21 -7.25 -14.66
N SER A 70 -0.62 -6.09 -14.95
CA SER A 70 -0.07 -5.78 -16.26
C SER A 70 1.31 -6.40 -16.49
N THR A 71 1.93 -6.97 -15.47
CA THR A 71 3.29 -7.48 -15.58
C THR A 71 3.31 -8.72 -16.47
N THR A 72 4.25 -8.74 -17.42
N THR A 72 4.20 -8.73 -17.45
CA THR A 72 4.39 -9.83 -18.37
CA THR A 72 4.37 -9.91 -18.29
C THR A 72 5.77 -10.48 -18.36
C THR A 72 5.63 -10.70 -17.98
N GLY A 73 6.67 -10.05 -17.47
CA GLY A 73 7.93 -10.74 -17.23
C GLY A 73 7.92 -11.55 -15.94
N ASP A 74 9.06 -12.23 -15.69
CA ASP A 74 9.21 -13.04 -14.49
C ASP A 74 10.56 -12.84 -13.80
N SER A 75 11.24 -11.72 -14.08
CA SER A 75 12.44 -11.34 -13.33
C SER A 75 12.08 -10.97 -11.91
N PRO A 76 13.06 -10.88 -11.01
CA PRO A 76 12.75 -10.50 -9.62
C PRO A 76 11.90 -9.25 -9.47
N ALA A 77 12.21 -8.17 -10.19
CA ALA A 77 11.41 -6.95 -10.11
C ALA A 77 10.00 -7.14 -10.66
N ASP A 78 9.80 -8.17 -11.49
CA ASP A 78 8.46 -8.50 -11.99
C ASP A 78 7.65 -9.33 -11.00
N VAL A 79 8.24 -9.70 -9.88
CA VAL A 79 7.56 -10.50 -8.85
C VAL A 79 7.27 -9.65 -7.62
N MET A 80 8.31 -9.20 -6.92
CA MET A 80 8.19 -8.40 -5.71
C MET A 80 9.55 -7.83 -5.38
N ASP A 81 9.57 -6.62 -4.82
CA ASP A 81 10.82 -5.98 -4.45
C ASP A 81 11.61 -6.85 -3.46
N SER A 82 12.93 -6.92 -3.66
CA SER A 82 13.73 -7.82 -2.85
CA SER A 82 13.80 -7.78 -2.86
C SER A 82 13.84 -7.40 -1.40
N SER A 83 13.41 -6.19 -1.04
CA SER A 83 13.35 -5.80 0.37
C SER A 83 12.34 -6.62 1.15
N HIS A 84 11.36 -7.21 0.46
CA HIS A 84 10.17 -7.81 1.08
C HIS A 84 10.47 -9.24 1.51
N LYS A 85 11.32 -9.37 2.53
CA LYS A 85 11.68 -10.68 3.06
C LYS A 85 10.63 -11.18 4.03
N GLY A 86 10.30 -12.48 3.93
CA GLY A 86 9.33 -13.07 4.81
C GLY A 86 8.92 -14.46 4.35
N PRO A 87 7.88 -15.03 4.97
CA PRO A 87 7.44 -16.37 4.61
C PRO A 87 6.45 -16.39 3.45
N THR A 88 6.37 -17.56 2.81
CA THR A 88 5.26 -17.91 1.93
C THR A 88 4.43 -18.99 2.63
N ILE A 89 3.11 -18.94 2.41
CA ILE A 89 2.18 -19.79 3.15
C ILE A 89 1.00 -20.10 2.22
N ALA A 90 0.37 -21.26 2.44
CA ALA A 90 -0.84 -21.58 1.69
C ALA A 90 -1.81 -22.39 2.55
N TYR A 91 -3.10 -22.14 2.35
CA TYR A 91 -4.19 -22.74 3.11
C TYR A 91 -5.28 -23.21 2.16
N LEU A 92 -6.05 -24.20 2.62
CA LEU A 92 -7.27 -24.63 1.95
C LEU A 92 -8.47 -24.45 2.87
N LYS A 93 -9.66 -24.27 2.26
CA LYS A 93 -10.93 -24.19 2.97
CA LYS A 93 -10.92 -24.21 2.98
C LYS A 93 -11.98 -24.92 2.15
N LYS A 94 -12.61 -25.95 2.74
CA LYS A 94 -13.67 -26.68 2.07
C LYS A 94 -14.94 -25.84 2.04
N VAL A 95 -15.53 -25.68 0.85
CA VAL A 95 -16.69 -24.81 0.70
C VAL A 95 -17.71 -25.51 -0.20
N ASP A 96 -18.94 -24.99 -0.15
N ASP A 96 -18.94 -25.00 -0.20
CA ASP A 96 -20.04 -25.54 -0.93
CA ASP A 96 -19.94 -25.71 -1.03
C ASP A 96 -19.92 -25.16 -2.40
C ASP A 96 -19.89 -25.19 -2.48
N ASN A 97 -19.53 -23.92 -2.67
CA ASN A 97 -19.41 -23.39 -4.02
C ASN A 97 -18.19 -22.48 -4.04
N ALA A 98 -17.14 -22.88 -4.76
CA ALA A 98 -15.89 -22.13 -4.71
C ALA A 98 -16.00 -20.77 -5.39
N ALA A 99 -17.03 -20.53 -6.19
CA ALA A 99 -17.20 -19.24 -6.83
C ALA A 99 -17.93 -18.24 -5.96
N THR A 100 -18.65 -18.68 -4.91
CA THR A 100 -19.39 -17.73 -4.08
C THR A 100 -18.95 -17.63 -2.62
N ALA A 101 -18.24 -18.62 -2.09
CA ALA A 101 -17.83 -18.55 -0.69
C ALA A 101 -16.88 -17.37 -0.48
N SER A 102 -17.13 -16.57 0.56
CA SER A 102 -16.29 -15.40 0.78
C SER A 102 -14.92 -15.73 1.35
N GLY A 103 -14.76 -16.89 1.97
CA GLY A 103 -13.53 -17.22 2.67
C GLY A 103 -13.46 -16.73 4.10
N VAL A 104 -14.34 -15.81 4.49
CA VAL A 104 -14.27 -15.25 5.84
C VAL A 104 -14.79 -16.28 6.84
N GLY A 105 -14.04 -16.48 7.91
CA GLY A 105 -14.45 -17.32 9.01
C GLY A 105 -13.62 -18.58 9.14
N ASN A 106 -14.20 -19.58 9.82
CA ASN A 106 -13.57 -20.85 10.14
C ASN A 106 -13.52 -21.76 8.92
N GLY A 107 -12.61 -22.73 8.96
CA GLY A 107 -12.50 -23.77 7.96
C GLY A 107 -11.15 -23.87 7.30
N TRP A 108 -10.25 -22.92 7.52
CA TRP A 108 -8.94 -22.95 6.88
C TRP A 108 -8.00 -23.94 7.55
N PHE A 109 -7.21 -24.64 6.74
CA PHE A 109 -6.11 -25.43 7.26
C PHE A 109 -4.88 -25.19 6.39
N LYS A 110 -3.72 -25.15 7.04
CA LYS A 110 -2.47 -24.83 6.37
C LYS A 110 -1.93 -26.06 5.65
N ILE A 111 -1.51 -25.88 4.40
CA ILE A 111 -0.95 -26.98 3.62
C ILE A 111 0.47 -26.72 3.12
N GLN A 112 1.01 -25.51 3.31
CA GLN A 112 2.38 -25.25 2.89
C GLN A 112 2.87 -24.04 3.66
N GLN A 113 4.17 -24.04 3.97
CA GLN A 113 4.82 -22.83 4.45
C GLN A 113 6.31 -22.92 4.21
N ASP A 114 6.95 -21.75 4.19
CA ASP A 114 8.38 -21.64 3.92
C ASP A 114 8.81 -20.32 4.53
N GLY A 115 9.45 -20.40 5.71
CA GLY A 115 9.87 -19.22 6.44
C GLY A 115 11.31 -18.83 6.15
N MET A 116 12.22 -19.12 7.07
N MET A 116 12.19 -19.14 7.10
CA MET A 116 13.65 -18.91 6.84
CA MET A 116 13.64 -18.90 6.91
C MET A 116 14.38 -20.24 7.01
C MET A 116 14.40 -20.23 7.03
N ASP A 117 15.29 -20.53 6.09
CA ASP A 117 16.01 -21.79 6.07
C ASP A 117 17.32 -21.69 6.85
N SER A 118 18.15 -22.74 6.73
CA SER A 118 19.39 -22.80 7.50
C SER A 118 20.39 -21.74 7.06
N SER A 119 20.40 -21.39 5.77
CA SER A 119 21.34 -20.41 5.24
C SER A 119 20.81 -18.98 5.33
N GLY A 120 19.74 -18.75 6.08
CA GLY A 120 19.20 -17.42 6.29
C GLY A 120 18.37 -16.87 5.15
N VAL A 121 17.93 -17.71 4.20
CA VAL A 121 17.17 -17.28 3.05
C VAL A 121 15.69 -17.45 3.34
N TRP A 122 14.89 -16.49 2.91
CA TRP A 122 13.46 -16.45 3.20
C TRP A 122 12.64 -17.07 2.08
N GLY A 123 11.45 -17.54 2.45
CA GLY A 123 10.52 -18.08 1.47
C GLY A 123 10.19 -17.12 0.34
N THR A 124 9.97 -15.84 0.66
CA THR A 124 9.67 -14.89 -0.42
C THR A 124 10.85 -14.76 -1.38
N GLU A 125 12.07 -14.92 -0.88
CA GLU A 125 13.22 -14.79 -1.77
C GLU A 125 13.28 -15.94 -2.78
N ARG A 126 12.84 -17.13 -2.39
CA ARG A 126 12.81 -18.23 -3.34
C ARG A 126 11.74 -17.99 -4.41
N VAL A 127 10.64 -17.33 -4.05
CA VAL A 127 9.63 -17.00 -5.04
C VAL A 127 10.11 -15.86 -5.93
N ILE A 128 10.69 -14.82 -5.33
CA ILE A 128 11.17 -13.66 -6.10
C ILE A 128 12.23 -14.09 -7.12
N ASN A 129 13.16 -14.94 -6.71
CA ASN A 129 14.22 -15.38 -7.60
C ASN A 129 13.87 -16.65 -8.36
N GLY A 130 12.67 -17.18 -8.16
CA GLY A 130 12.22 -18.38 -8.84
C GLY A 130 11.06 -18.13 -9.78
N LYS A 131 11.11 -17.01 -10.51
CA LYS A 131 10.12 -16.66 -11.53
C LYS A 131 8.71 -16.52 -10.93
N GLY A 132 8.64 -16.20 -9.64
CA GLY A 132 7.35 -16.03 -8.98
C GLY A 132 6.60 -17.30 -8.72
N ARG A 133 7.26 -18.45 -8.83
CA ARG A 133 6.57 -19.73 -8.67
C ARG A 133 6.55 -20.15 -7.20
N HIS A 134 5.35 -20.44 -6.70
CA HIS A 134 5.08 -20.81 -5.32
C HIS A 134 4.34 -22.16 -5.36
N SER A 135 5.09 -23.25 -5.23
CA SER A 135 4.54 -24.59 -5.43
C SER A 135 3.95 -25.13 -4.13
N ILE A 136 2.76 -25.74 -4.25
CA ILE A 136 1.91 -26.07 -3.11
C ILE A 136 1.30 -27.45 -3.35
N LYS A 137 1.52 -28.38 -2.43
CA LYS A 137 0.98 -29.74 -2.58
C LYS A 137 -0.44 -29.79 -2.04
N ILE A 138 -1.37 -30.22 -2.87
CA ILE A 138 -2.74 -30.52 -2.43
C ILE A 138 -2.75 -31.90 -1.76
N PRO A 139 -3.13 -32.01 -0.48
CA PRO A 139 -3.07 -33.33 0.18
C PRO A 139 -3.93 -34.37 -0.52
N GLU A 140 -3.40 -35.61 -0.56
CA GLU A 140 -4.15 -36.70 -1.19
C GLU A 140 -5.29 -37.17 -0.32
N CYS A 141 -5.19 -36.96 0.99
CA CYS A 141 -6.07 -37.63 1.95
C CYS A 141 -7.28 -36.79 2.33
N ILE A 142 -7.46 -35.61 1.73
CA ILE A 142 -8.60 -34.77 2.07
C ILE A 142 -9.82 -35.15 1.23
N ALA A 143 -10.99 -34.66 1.64
CA ALA A 143 -12.22 -34.89 0.90
C ALA A 143 -12.18 -34.21 -0.46
N PRO A 144 -12.81 -34.81 -1.47
CA PRO A 144 -12.87 -34.17 -2.78
C PRO A 144 -13.85 -33.00 -2.77
N GLY A 145 -13.80 -32.20 -3.83
CA GLY A 145 -14.85 -31.23 -4.09
C GLY A 145 -14.33 -29.80 -4.07
N GLN A 146 -15.23 -28.88 -3.73
CA GLN A 146 -14.98 -27.45 -3.85
C GLN A 146 -14.15 -26.92 -2.70
N TYR A 147 -13.11 -26.15 -3.02
CA TYR A 147 -12.24 -25.55 -2.02
C TYR A 147 -11.84 -24.14 -2.45
N LEU A 148 -11.54 -23.30 -1.46
CA LEU A 148 -10.70 -22.12 -1.69
C LEU A 148 -9.26 -22.44 -1.32
N LEU A 149 -8.34 -21.92 -2.12
CA LEU A 149 -6.91 -21.95 -1.85
C LEU A 149 -6.46 -20.51 -1.58
N ARG A 150 -5.95 -20.27 -0.37
CA ARG A 150 -5.42 -18.95 -0.01
C ARG A 150 -3.90 -19.04 -0.01
N ALA A 151 -3.27 -18.37 -0.96
CA ALA A 151 -1.81 -18.33 -1.04
C ALA A 151 -1.35 -16.96 -0.60
N GLU A 152 -0.25 -16.91 0.16
CA GLU A 152 0.13 -15.70 0.87
C GLU A 152 1.64 -15.52 0.92
N MET A 153 2.07 -14.27 0.79
CA MET A 153 3.44 -13.86 1.08
C MET A 153 3.35 -12.74 2.10
N ILE A 154 4.13 -12.84 3.18
CA ILE A 154 4.16 -11.81 4.21
C ILE A 154 5.51 -11.13 4.13
N ALA A 155 5.50 -9.82 3.89
CA ALA A 155 6.72 -9.00 3.86
C ALA A 155 6.96 -8.42 5.25
N LEU A 156 8.16 -8.64 5.77
CA LEU A 156 8.49 -8.29 7.15
C LEU A 156 9.51 -7.15 7.27
N HIS A 157 9.89 -6.53 6.15
CA HIS A 157 10.91 -5.49 6.21
C HIS A 157 10.50 -4.29 7.06
N ALA A 158 9.19 -4.07 7.25
CA ALA A 158 8.67 -2.94 8.02
C ALA A 158 7.87 -3.42 9.22
N ALA A 159 8.19 -4.61 9.75
CA ALA A 159 7.37 -5.27 10.75
C ALA A 159 7.92 -5.17 12.17
N SER A 160 8.95 -4.33 12.40
CA SER A 160 9.48 -4.18 13.76
CA SER A 160 9.48 -4.21 13.75
C SER A 160 8.39 -3.83 14.75
N ASN A 161 7.38 -3.10 14.31
CA ASN A 161 6.21 -2.78 15.11
C ASN A 161 4.96 -3.29 14.39
N TYR A 162 3.87 -3.44 15.14
CA TYR A 162 2.59 -3.73 14.53
C TYR A 162 1.63 -2.57 14.78
N PRO A 163 0.96 -2.04 13.75
CA PRO A 163 0.97 -2.47 12.34
C PRO A 163 2.31 -2.25 11.65
N GLY A 164 2.62 -3.15 10.73
CA GLY A 164 3.90 -3.06 9.99
C GLY A 164 4.06 -4.22 9.02
N ALA A 165 3.74 -5.40 9.50
CA ALA A 165 3.78 -6.56 8.59
C ALA A 165 2.82 -6.35 7.40
N GLN A 166 3.22 -6.87 6.25
CA GLN A 166 2.47 -6.63 5.02
C GLN A 166 2.00 -7.98 4.47
N PHE A 167 0.70 -8.18 4.47
CA PHE A 167 0.09 -9.46 4.08
C PHE A 167 -0.45 -9.38 2.67
N TYR A 168 0.14 -10.16 1.75
CA TYR A 168 -0.31 -10.24 0.36
C TYR A 168 -0.93 -11.61 0.14
N MET A 169 -2.23 -11.64 -0.15
CA MET A 169 -2.90 -12.92 -0.35
C MET A 169 -3.97 -12.81 -1.41
N GLU A 170 -4.23 -13.95 -2.08
CA GLU A 170 -5.35 -14.07 -2.99
C GLU A 170 -5.90 -15.48 -2.87
N CYS A 171 -7.18 -15.63 -3.21
CA CYS A 171 -7.87 -16.91 -3.10
C CYS A 171 -8.17 -17.45 -4.48
N ALA A 172 -7.77 -18.70 -4.71
CA ALA A 172 -8.13 -19.42 -5.92
C ALA A 172 -9.30 -20.37 -5.63
N GLN A 173 -10.02 -20.70 -6.70
CA GLN A 173 -11.23 -21.53 -6.64
C GLN A 173 -10.93 -22.90 -7.24
N LEU A 174 -11.01 -23.95 -6.42
CA LEU A 174 -10.58 -25.29 -6.81
C LEU A 174 -11.70 -26.32 -6.76
N ASN A 175 -11.61 -27.26 -7.69
CA ASN A 175 -12.38 -28.50 -7.67
C ASN A 175 -11.35 -29.62 -7.50
N VAL A 176 -11.27 -30.16 -6.29
CA VAL A 176 -10.30 -31.20 -5.97
C VAL A 176 -10.90 -32.56 -6.34
N VAL A 177 -10.23 -33.27 -7.26
CA VAL A 177 -10.67 -34.58 -7.74
C VAL A 177 -9.78 -35.64 -7.13
N GLY A 178 -10.39 -36.73 -6.67
CA GLY A 178 -9.64 -37.89 -6.24
C GLY A 178 -9.20 -37.90 -4.79
N GLY A 179 -9.62 -36.92 -3.99
CA GLY A 179 -9.29 -36.95 -2.57
C GLY A 179 -9.96 -38.15 -1.89
N THR A 180 -9.21 -38.81 -1.00
CA THR A 180 -9.74 -40.01 -0.37
C THR A 180 -10.66 -39.71 0.81
N GLY A 181 -10.61 -38.52 1.39
CA GLY A 181 -11.41 -38.19 2.55
C GLY A 181 -11.01 -38.93 3.81
N ALA A 182 -9.82 -39.54 3.83
CA ALA A 182 -9.41 -40.34 4.97
C ALA A 182 -9.15 -39.51 6.22
N LYS A 183 -8.82 -38.23 6.07
CA LYS A 183 -8.50 -37.38 7.21
C LYS A 183 -9.23 -36.05 7.07
N THR A 184 -9.73 -35.56 8.19
CA THR A 184 -10.43 -34.28 8.25
C THR A 184 -9.58 -33.29 9.05
N PRO A 185 -8.98 -32.29 8.40
CA PRO A 185 -8.07 -31.39 9.13
C PRO A 185 -8.78 -30.59 10.21
N SER A 186 -8.04 -30.28 11.27
CA SER A 186 -8.46 -29.23 12.19
C SER A 186 -8.29 -27.88 11.51
N THR A 187 -9.15 -26.93 11.85
CA THR A 187 -9.23 -25.68 11.10
C THR A 187 -9.07 -24.46 11.99
N VAL A 188 -8.73 -23.34 11.33
CA VAL A 188 -8.64 -22.03 11.96
C VAL A 188 -9.48 -21.05 11.15
N SER A 189 -9.62 -19.84 11.68
CA SER A 189 -10.41 -18.79 11.05
C SER A 189 -9.51 -17.66 10.53
N PHE A 190 -9.97 -17.06 9.43
CA PHE A 190 -9.46 -15.77 8.95
C PHE A 190 -10.61 -14.80 8.85
N PRO A 191 -10.62 -13.69 9.59
CA PRO A 191 -9.62 -13.31 10.60
C PRO A 191 -9.67 -14.19 11.84
N GLY A 192 -8.53 -14.28 12.52
CA GLY A 192 -8.46 -15.00 13.79
C GLY A 192 -7.16 -15.75 13.99
N ALA A 193 -6.65 -16.37 12.93
CA ALA A 193 -5.46 -17.20 13.08
C ALA A 193 -4.22 -16.38 13.39
N TYR A 194 -4.21 -15.12 12.99
CA TYR A 194 -3.07 -14.23 13.18
C TYR A 194 -3.41 -13.16 14.20
N SER A 195 -2.40 -12.78 14.98
CA SER A 195 -2.49 -11.66 15.92
C SER A 195 -1.31 -10.74 15.73
N GLY A 196 -1.53 -9.45 16.02
CA GLY A 196 -0.46 -8.47 15.96
C GLY A 196 0.71 -8.75 16.88
N SER A 197 0.51 -9.55 17.93
CA SER A 197 1.60 -9.87 18.86
C SER A 197 2.35 -11.15 18.48
N ASP A 198 1.92 -11.84 17.43
CA ASP A 198 2.58 -13.09 17.05
C ASP A 198 4.07 -12.84 16.81
N PRO A 199 4.94 -13.77 17.22
CA PRO A 199 6.39 -13.55 17.06
C PRO A 199 6.85 -13.53 15.62
N GLY A 200 6.04 -13.99 14.67
CA GLY A 200 6.35 -13.89 13.27
C GLY A 200 5.68 -12.75 12.57
N VAL A 201 4.90 -11.95 13.29
CA VAL A 201 4.22 -10.78 12.76
C VAL A 201 4.86 -9.49 13.27
N LYS A 202 5.03 -9.38 14.59
CA LYS A 202 5.76 -8.23 15.20
C LYS A 202 7.19 -8.70 15.37
N ILE A 203 8.10 -8.28 14.50
CA ILE A 203 9.46 -8.81 14.45
C ILE A 203 10.40 -7.86 13.72
N SER A 204 11.56 -7.60 14.32
CA SER A 204 12.66 -6.94 13.63
C SER A 204 13.51 -7.98 12.93
N ILE A 205 13.63 -7.86 11.61
CA ILE A 205 14.49 -8.80 10.88
C ILE A 205 15.91 -8.25 10.79
N TYR A 206 16.17 -7.15 11.51
CA TYR A 206 17.47 -6.51 11.48
C TYR A 206 18.22 -6.57 12.80
N TRP A 207 17.53 -6.44 13.93
CA TRP A 207 18.18 -6.23 15.23
C TRP A 207 17.59 -7.16 16.29
N PRO A 208 18.24 -8.29 16.59
CA PRO A 208 19.44 -8.79 15.90
C PRO A 208 19.06 -9.50 14.60
N PRO A 209 20.05 -9.76 13.73
CA PRO A 209 19.76 -10.50 12.50
C PRO A 209 19.15 -11.86 12.85
N VAL A 210 18.03 -12.15 12.21
CA VAL A 210 17.18 -13.34 12.49
C VAL A 210 17.88 -14.63 12.07
N THR A 211 17.82 -15.59 12.96
CA THR A 211 18.40 -16.88 12.64
C THR A 211 17.37 -18.01 12.67
N SER A 212 16.16 -17.75 13.15
CA SER A 212 15.10 -18.73 13.25
C SER A 212 13.77 -17.98 13.28
N TYR A 213 12.79 -18.47 12.52
CA TYR A 213 11.54 -17.74 12.33
C TYR A 213 10.35 -18.65 12.58
N THR A 214 9.36 -18.12 13.31
CA THR A 214 8.12 -18.84 13.60
C THR A 214 7.01 -18.33 12.69
N VAL A 215 6.67 -19.11 11.68
CA VAL A 215 5.61 -18.72 10.75
C VAL A 215 4.30 -18.61 11.50
N PRO A 216 3.52 -17.54 11.34
CA PRO A 216 2.24 -17.45 12.04
C PRO A 216 1.24 -18.48 11.52
N GLY A 217 0.22 -18.72 12.33
CA GLY A 217 -0.82 -19.66 11.99
C GLY A 217 -0.57 -21.05 12.55
N PRO A 218 -1.47 -21.97 12.24
CA PRO A 218 -1.39 -23.34 12.77
C PRO A 218 -0.29 -24.15 12.09
N SER A 219 -0.07 -25.36 12.61
CA SER A 219 0.88 -26.27 12.00
CA SER A 219 0.89 -26.24 11.99
C SER A 219 0.37 -26.72 10.64
N VAL A 220 1.31 -27.17 9.80
CA VAL A 220 0.97 -27.64 8.47
C VAL A 220 0.25 -28.99 8.57
N PHE A 221 -0.92 -29.09 7.96
CA PHE A 221 -1.64 -30.35 7.90
C PHE A 221 -0.86 -31.38 7.08
N THR A 222 -0.75 -32.60 7.61
CA THR A 222 -0.08 -33.69 6.91
CA THR A 222 -0.08 -33.69 6.91
C THR A 222 -0.96 -34.93 6.91
N CYS A 223 -0.87 -35.71 5.86
CA CYS A 223 -1.67 -36.91 5.73
C CYS A 223 -1.09 -38.04 6.57
N HIS B 1 -3.43 5.08 5.36
CA HIS B 1 -4.24 5.02 4.15
C HIS B 1 -5.22 6.19 4.14
N THR B 2 -5.05 7.07 3.15
CA THR B 2 -5.76 8.34 3.10
C THR B 2 -5.51 8.95 1.72
N ILE B 3 -6.39 9.87 1.33
CA ILE B 3 -6.33 10.53 0.03
C ILE B 3 -6.71 11.99 0.21
N PHE B 4 -5.86 12.90 -0.30
CA PHE B 4 -6.21 14.32 -0.47
C PHE B 4 -7.12 14.36 -1.70
N SER B 5 -8.43 14.37 -1.48
CA SER B 5 -9.33 14.13 -2.61
C SER B 5 -10.10 15.36 -3.09
N SER B 6 -10.01 16.49 -2.39
CA SER B 6 -10.63 17.74 -2.82
C SER B 6 -9.91 18.89 -2.15
N LEU B 7 -10.02 20.07 -2.75
CA LEU B 7 -9.39 21.28 -2.26
C LEU B 7 -10.46 22.34 -2.00
N GLU B 8 -10.35 23.00 -0.86
CA GLU B 8 -11.19 24.15 -0.54
C GLU B 8 -10.44 25.44 -0.87
N VAL B 9 -11.07 26.30 -1.67
CA VAL B 9 -10.49 27.58 -2.08
C VAL B 9 -11.56 28.65 -1.89
N ASN B 10 -11.16 29.80 -1.35
CA ASN B 10 -12.11 30.88 -1.06
C ASN B 10 -13.29 30.37 -0.24
N GLY B 11 -13.00 29.44 0.68
CA GLY B 11 -14.03 28.93 1.54
C GLY B 11 -14.98 27.95 0.92
N VAL B 12 -14.73 27.51 -0.32
CA VAL B 12 -15.66 26.66 -1.05
C VAL B 12 -14.92 25.41 -1.54
N ASN B 13 -15.48 24.24 -1.25
CA ASN B 13 -14.92 23.00 -1.75
C ASN B 13 -15.10 22.92 -3.27
N GLN B 14 -14.02 22.59 -3.99
CA GLN B 14 -14.04 22.59 -5.45
C GLN B 14 -14.51 21.26 -6.05
N GLY B 15 -14.76 20.24 -5.25
CA GLY B 15 -15.36 19.01 -5.74
C GLY B 15 -14.40 17.83 -5.67
N LEU B 16 -14.98 16.64 -5.61
N LEU B 16 -14.98 16.64 -5.54
CA LEU B 16 -14.20 15.41 -5.46
CA LEU B 16 -14.19 15.41 -5.46
C LEU B 16 -13.41 15.13 -6.73
C LEU B 16 -13.41 15.21 -6.75
N GLY B 17 -12.09 15.13 -6.63
CA GLY B 17 -11.26 14.90 -7.80
C GLY B 17 -11.34 16.00 -8.84
N GLU B 18 -11.81 17.17 -8.46
CA GLU B 18 -11.97 18.30 -9.36
C GLU B 18 -10.80 19.24 -9.14
N GLY B 19 -9.86 19.25 -10.08
CA GLY B 19 -8.64 20.00 -9.90
C GLY B 19 -7.63 19.35 -8.97
N VAL B 20 -7.94 18.17 -8.45
CA VAL B 20 -6.98 17.35 -7.70
C VAL B 20 -6.89 16.02 -8.42
N ARG B 21 -5.67 15.56 -8.67
CA ARG B 21 -5.42 14.30 -9.38
C ARG B 21 -5.48 13.15 -8.37
N VAL B 22 -6.62 12.47 -8.32
CA VAL B 22 -6.82 11.49 -7.24
C VAL B 22 -6.55 10.06 -7.70
N PRO B 23 -5.91 9.28 -6.85
CA PRO B 23 -5.74 7.86 -7.12
C PRO B 23 -7.01 7.11 -6.79
N THR B 24 -7.15 5.93 -7.41
CA THR B 24 -8.28 5.09 -7.08
C THR B 24 -8.13 4.47 -5.69
N TYR B 25 -6.91 4.14 -5.31
N TYR B 25 -6.89 4.29 -5.26
CA TYR B 25 -6.66 3.47 -4.05
CA TYR B 25 -6.50 3.45 -4.12
C TYR B 25 -5.94 4.41 -3.10
C TYR B 25 -5.78 4.30 -3.09
N ASN B 26 -6.13 4.14 -1.81
CA ASN B 26 -5.60 4.99 -0.75
C ASN B 26 -4.25 4.55 -0.17
N GLY B 27 -3.55 3.62 -0.81
CA GLY B 27 -2.29 3.15 -0.27
C GLY B 27 -1.13 4.09 -0.52
N PRO B 28 -0.07 3.94 0.27
CA PRO B 28 1.07 4.87 0.19
C PRO B 28 2.08 4.49 -0.88
N ILE B 29 2.89 5.50 -1.24
CA ILE B 29 4.15 5.28 -1.91
C ILE B 29 5.19 5.02 -0.83
N GLU B 30 6.12 4.09 -1.08
CA GLU B 30 7.16 3.75 -0.06
C GLU B 30 8.57 4.00 -0.64
N ASP B 31 8.70 4.09 -1.95
CA ASP B 31 9.98 4.23 -2.60
C ASP B 31 10.17 5.71 -2.95
N VAL B 32 11.05 6.39 -2.21
CA VAL B 32 11.24 7.82 -2.45
C VAL B 32 12.00 8.10 -3.72
N THR B 33 12.57 7.08 -4.35
CA THR B 33 13.26 7.27 -5.62
C THR B 33 12.33 7.14 -6.83
N SER B 34 11.07 6.75 -6.60
CA SER B 34 10.16 6.49 -7.70
C SER B 34 9.56 7.80 -8.22
N ALA B 35 9.30 7.85 -9.52
CA ALA B 35 8.58 8.97 -10.10
C ALA B 35 7.26 9.22 -9.41
N SER B 36 6.67 8.17 -8.82
CA SER B 36 5.41 8.31 -8.12
C SER B 36 5.49 9.14 -6.85
N ILE B 37 6.69 9.43 -6.33
CA ILE B 37 6.75 10.27 -5.13
C ILE B 37 6.32 11.70 -5.42
N ALA B 38 6.33 12.14 -6.68
CA ALA B 38 5.97 13.53 -6.98
C ALA B 38 4.47 13.78 -6.77
N CYS B 39 3.63 13.09 -7.54
CA CYS B 39 2.18 13.32 -7.55
C CYS B 39 1.44 12.00 -7.44
N ASN B 40 2.02 11.01 -6.75
CA ASN B 40 1.45 9.66 -6.67
C ASN B 40 1.56 8.99 -8.05
N GLY B 41 1.10 7.74 -8.16
CA GLY B 41 1.22 7.04 -9.42
C GLY B 41 1.44 5.56 -9.21
N SER B 42 2.02 4.92 -10.23
CA SER B 42 2.24 3.48 -10.22
C SER B 42 2.89 3.05 -8.92
N PRO B 43 2.46 1.93 -8.31
CA PRO B 43 1.49 0.93 -8.80
C PRO B 43 0.02 1.30 -8.59
N ASN B 44 -0.23 2.50 -8.10
CA ASN B 44 -1.57 3.05 -8.07
C ASN B 44 -1.93 3.57 -9.45
N THR B 45 -3.18 4.00 -9.60
N THR B 45 -3.22 3.85 -9.66
N THR B 45 -3.14 3.98 -9.52
CA THR B 45 -3.62 4.66 -10.86
CA THR B 45 -3.59 4.63 -10.89
CA THR B 45 -3.57 4.64 -10.77
C THR B 45 -4.16 6.02 -10.44
C THR B 45 -4.06 6.01 -10.39
C THR B 45 -4.11 6.00 -10.34
N VAL B 46 -3.73 7.08 -11.14
CA VAL B 46 -4.09 8.45 -10.80
C VAL B 46 -4.88 9.04 -11.96
N ALA B 47 -6.00 9.67 -11.63
CA ALA B 47 -6.90 10.23 -12.62
C ALA B 47 -6.54 11.67 -12.97
N SER B 48 -6.56 11.98 -14.27
CA SER B 48 -6.40 13.33 -14.74
CA SER B 48 -6.41 13.33 -14.76
C SER B 48 -7.68 14.13 -14.51
N THR B 49 -7.53 15.46 -14.47
CA THR B 49 -8.66 16.36 -14.29
C THR B 49 -8.38 17.62 -15.09
N SER B 50 -9.42 18.12 -15.77
N SER B 50 -9.42 18.12 -15.77
CA SER B 50 -9.24 19.29 -16.61
CA SER B 50 -9.24 19.29 -16.62
C SER B 50 -9.34 20.60 -15.85
C SER B 50 -9.26 20.59 -15.82
N LYS B 51 -9.79 20.57 -14.59
CA LYS B 51 -10.03 21.80 -13.85
C LYS B 51 -8.73 22.36 -13.28
N VAL B 52 -8.51 23.64 -13.52
CA VAL B 52 -7.42 24.40 -12.91
C VAL B 52 -8.09 25.45 -12.04
N ILE B 53 -7.74 25.46 -10.77
CA ILE B 53 -8.45 26.25 -9.77
C ILE B 53 -7.76 27.59 -9.59
N THR B 54 -8.51 28.67 -9.77
CA THR B 54 -7.97 30.00 -9.53
C THR B 54 -7.89 30.26 -8.02
N VAL B 55 -6.75 30.78 -7.58
CA VAL B 55 -6.54 31.12 -6.17
C VAL B 55 -5.85 32.48 -6.10
N GLN B 56 -6.27 33.34 -5.17
CA GLN B 56 -5.59 34.61 -4.98
C GLN B 56 -4.32 34.39 -4.16
N ALA B 57 -3.20 34.92 -4.63
CA ALA B 57 -1.95 34.80 -3.90
C ALA B 57 -2.10 35.44 -2.52
N GLY B 58 -1.49 34.82 -1.52
CA GLY B 58 -1.59 35.28 -0.16
C GLY B 58 -2.69 34.65 0.65
N THR B 59 -3.68 34.03 0.01
CA THR B 59 -4.77 33.39 0.71
C THR B 59 -4.42 31.92 0.98
N ASN B 60 -5.23 31.29 1.81
CA ASN B 60 -5.06 29.88 2.15
C ASN B 60 -5.97 29.02 1.29
N VAL B 61 -5.47 27.84 0.94
CA VAL B 61 -6.28 26.75 0.44
C VAL B 61 -6.22 25.66 1.49
N THR B 62 -7.24 24.80 1.49
CA THR B 62 -7.31 23.73 2.48
C THR B 62 -7.47 22.40 1.77
N ALA B 63 -6.45 21.56 1.85
CA ALA B 63 -6.57 20.19 1.36
C ALA B 63 -7.46 19.41 2.31
N ILE B 64 -8.38 18.61 1.75
CA ILE B 64 -9.36 17.86 2.51
C ILE B 64 -9.04 16.38 2.38
N TRP B 65 -8.50 15.80 3.45
CA TRP B 65 -8.07 14.41 3.47
C TRP B 65 -9.21 13.49 3.91
N ARG B 66 -9.33 12.36 3.22
CA ARG B 66 -10.37 11.36 3.47
C ARG B 66 -9.78 9.96 3.35
N TYR B 67 -10.36 9.02 4.09
CA TYR B 67 -9.85 7.65 4.06
C TYR B 67 -9.89 7.07 2.66
N MET B 68 -11.03 7.21 1.98
CA MET B 68 -11.22 6.68 0.64
CA MET B 68 -11.25 6.67 0.65
C MET B 68 -11.97 7.71 -0.19
N LEU B 69 -11.97 7.51 -1.51
CA LEU B 69 -12.67 8.43 -2.39
C LEU B 69 -14.15 8.55 -2.03
N SER B 70 -14.77 7.44 -1.64
CA SER B 70 -16.20 7.42 -1.40
CA SER B 70 -16.20 7.36 -1.38
C SER B 70 -16.59 7.71 0.05
N THR B 71 -15.62 8.04 0.90
CA THR B 71 -15.90 8.38 2.30
C THR B 71 -16.84 9.57 2.38
N THR B 72 -17.84 9.48 3.26
CA THR B 72 -18.82 10.56 3.36
C THR B 72 -18.74 11.38 4.65
N GLY B 73 -17.99 10.95 5.66
CA GLY B 73 -17.89 11.67 6.91
C GLY B 73 -16.56 12.38 7.09
N ASP B 74 -16.42 13.03 8.26
CA ASP B 74 -15.17 13.71 8.59
C ASP B 74 -14.67 13.34 9.99
N SER B 75 -15.15 12.23 10.54
CA SER B 75 -14.65 11.76 11.82
CA SER B 75 -14.65 11.76 11.82
C SER B 75 -13.20 11.30 11.67
N PRO B 76 -12.48 11.12 12.79
CA PRO B 76 -11.07 10.69 12.67
C PRO B 76 -10.85 9.47 11.80
N ALA B 77 -11.64 8.41 11.96
CA ALA B 77 -11.49 7.23 11.12
C ALA B 77 -11.87 7.49 9.67
N ASP B 78 -12.66 8.54 9.41
CA ASP B 78 -12.97 8.96 8.05
C ASP B 78 -11.81 9.69 7.39
N VAL B 79 -10.73 9.97 8.13
CA VAL B 79 -9.56 10.69 7.61
C VAL B 79 -8.37 9.75 7.45
N MET B 80 -7.86 9.21 8.56
CA MET B 80 -6.72 8.31 8.55
C MET B 80 -6.64 7.62 9.90
N ASP B 81 -6.12 6.39 9.90
CA ASP B 81 -6.00 5.62 11.12
C ASP B 81 -5.08 6.32 12.12
N SER B 82 -5.45 6.25 13.39
CA SER B 82 -4.72 6.91 14.47
C SER B 82 -3.27 6.45 14.58
N SER B 83 -2.95 5.24 14.10
CA SER B 83 -1.58 4.76 14.15
C SER B 83 -0.65 5.59 13.28
N HIS B 84 -1.20 6.25 12.26
CA HIS B 84 -0.40 6.92 11.23
C HIS B 84 0.01 8.29 11.74
N LYS B 85 1.13 8.34 12.45
CA LYS B 85 1.66 9.58 13.01
C LYS B 85 2.83 10.08 12.17
N GLY B 86 2.87 11.40 11.94
CA GLY B 86 3.94 11.98 11.16
C GLY B 86 3.64 13.41 10.76
N PRO B 87 4.40 13.94 9.81
CA PRO B 87 4.23 15.33 9.38
C PRO B 87 3.19 15.52 8.30
N THR B 88 2.68 16.73 8.20
CA THR B 88 1.97 17.21 7.02
C THR B 88 2.86 18.24 6.33
N ILE B 89 2.81 18.27 4.99
CA ILE B 89 3.75 19.07 4.20
C ILE B 89 3.03 19.51 2.93
N ALA B 90 3.44 20.66 2.40
CA ALA B 90 2.90 21.10 1.11
C ALA B 90 3.96 21.85 0.32
N TYR B 91 3.90 21.69 -1.01
CA TYR B 91 4.86 22.25 -1.96
C TYR B 91 4.13 22.82 -3.16
N LEU B 92 4.77 23.78 -3.83
CA LEU B 92 4.32 24.28 -5.12
C LEU B 92 5.38 24.02 -6.19
N LYS B 93 4.94 23.92 -7.44
CA LYS B 93 5.84 23.79 -8.59
CA LYS B 93 5.85 23.81 -8.59
C LYS B 93 5.28 24.62 -9.74
N LYS B 94 6.06 25.57 -10.26
CA LYS B 94 5.62 26.36 -11.40
C LYS B 94 5.64 25.50 -12.66
N VAL B 95 4.52 25.50 -13.41
CA VAL B 95 4.40 24.68 -14.62
C VAL B 95 3.73 25.51 -15.70
N ASP B 96 3.97 25.01 -16.89
CA ASP B 96 3.36 25.71 -18.05
CA ASP B 96 3.31 25.87 -18.02
C ASP B 96 1.82 25.55 -18.30
N ASN B 97 1.40 24.34 -17.89
CA ASN B 97 0.01 23.91 -18.10
CA ASN B 97 -0.01 23.95 -18.06
C ASN B 97 -0.33 22.94 -16.96
N ALA B 98 -1.05 23.43 -15.95
CA ALA B 98 -1.30 22.63 -14.77
C ALA B 98 -2.20 21.43 -15.02
N ALA B 99 -2.99 21.44 -16.10
CA ALA B 99 -3.84 20.28 -16.37
C ALA B 99 -3.08 19.13 -17.02
N THR B 100 -1.86 19.34 -17.48
CA THR B 100 -1.13 18.28 -18.16
C THR B 100 0.27 18.03 -17.64
N ALA B 101 0.91 19.01 -17.00
CA ALA B 101 2.30 18.81 -16.56
C ALA B 101 2.38 17.66 -15.57
N SER B 102 3.48 16.84 -15.56
N SER B 102 3.53 16.98 -15.69
CA SER B 102 3.45 15.60 -14.69
CA SER B 102 3.95 15.92 -14.77
C SER B 102 3.94 15.82 -13.25
C SER B 102 4.55 16.64 -13.56
N GLY B 103 4.69 16.91 -13.03
N GLY B 103 4.68 15.93 -12.46
CA GLY B 103 5.26 17.24 -11.72
CA GLY B 103 5.07 16.66 -11.29
C GLY B 103 6.66 16.68 -11.50
C GLY B 103 6.53 16.33 -11.10
N VAL B 104 6.99 15.49 -12.05
CA VAL B 104 8.28 14.85 -11.84
C VAL B 104 9.41 15.80 -12.19
N GLY B 105 10.43 15.82 -11.35
CA GLY B 105 11.63 16.59 -11.60
C GLY B 105 11.76 17.78 -10.68
N ASN B 106 12.55 18.75 -11.13
CA ASN B 106 12.91 19.95 -10.38
C ASN B 106 11.80 21.00 -10.46
N GLY B 107 11.80 21.92 -9.50
CA GLY B 107 10.89 23.05 -9.48
C GLY B 107 10.04 23.15 -8.22
N TRP B 108 10.09 22.15 -7.34
CA TRP B 108 9.28 22.16 -6.13
C TRP B 108 9.90 23.06 -5.06
N PHE B 109 9.07 23.81 -4.36
CA PHE B 109 9.50 24.52 -3.17
C PHE B 109 8.45 24.32 -2.08
N LYS B 110 8.92 24.20 -0.84
CA LYS B 110 8.04 23.88 0.27
C LYS B 110 7.37 25.15 0.78
N ILE B 111 6.06 25.09 0.99
CA ILE B 111 5.31 26.27 1.47
C ILE B 111 4.60 26.04 2.79
N GLN B 112 4.57 24.81 3.31
CA GLN B 112 3.98 24.52 4.61
C GLN B 112 4.58 23.23 5.13
N GLN B 113 4.70 23.14 6.46
CA GLN B 113 5.01 21.88 7.11
C GLN B 113 4.55 21.94 8.56
N ASP B 114 4.26 20.76 9.11
CA ASP B 114 3.81 20.62 10.49
C ASP B 114 4.29 19.23 10.93
N GLY B 115 5.39 19.19 11.67
CA GLY B 115 6.01 17.95 12.09
C GLY B 115 5.56 17.51 13.47
N MET B 116 6.39 17.71 14.49
CA MET B 116 6.01 17.52 15.88
C MET B 116 6.18 18.83 16.62
N ASP B 117 5.15 19.22 17.39
CA ASP B 117 5.20 20.50 18.09
C ASP B 117 5.88 20.32 19.45
N SER B 118 5.96 21.42 20.21
CA SER B 118 6.63 21.37 21.50
C SER B 118 5.89 20.55 22.54
N SER B 119 4.65 20.16 22.28
CA SER B 119 3.89 19.28 23.17
C SER B 119 3.92 17.81 22.74
N GLY B 120 4.69 17.48 21.71
CA GLY B 120 4.74 16.10 21.25
C GLY B 120 3.62 15.68 20.32
N VAL B 121 2.87 16.61 19.77
CA VAL B 121 1.72 16.30 18.93
C VAL B 121 2.13 16.44 17.46
N TRP B 122 1.74 15.47 16.65
CA TRP B 122 2.13 15.37 15.24
C TRP B 122 1.16 16.13 14.33
N GLY B 123 1.71 16.63 13.22
CA GLY B 123 0.87 17.31 12.24
C GLY B 123 -0.28 16.46 11.73
N THR B 124 -0.06 15.16 11.54
CA THR B 124 -1.16 14.32 11.09
C THR B 124 -2.28 14.27 12.12
N GLU B 125 -1.96 14.38 13.42
CA GLU B 125 -2.99 14.40 14.44
C GLU B 125 -3.91 15.60 14.27
N ARG B 126 -3.34 16.74 13.91
CA ARG B 126 -4.17 17.92 13.72
C ARG B 126 -5.10 17.78 12.53
N VAL B 127 -4.68 17.04 11.50
CA VAL B 127 -5.56 16.78 10.37
C VAL B 127 -6.63 15.74 10.72
N ILE B 128 -6.22 14.60 11.30
CA ILE B 128 -7.14 13.53 11.65
C ILE B 128 -8.25 14.04 12.57
N ASN B 129 -7.89 14.86 13.56
CA ASN B 129 -8.85 15.36 14.53
C ASN B 129 -9.46 16.69 14.10
N GLY B 130 -9.05 17.22 12.96
CA GLY B 130 -9.55 18.49 12.44
C GLY B 130 -10.37 18.29 11.19
N LYS B 131 -11.14 17.19 11.14
CA LYS B 131 -12.05 16.91 10.05
C LYS B 131 -11.33 16.82 8.71
N GLY B 132 -10.06 16.42 8.74
CA GLY B 132 -9.28 16.22 7.53
C GLY B 132 -8.75 17.49 6.91
N ARG B 133 -8.85 18.62 7.60
CA ARG B 133 -8.48 19.92 7.03
C ARG B 133 -6.99 20.18 7.19
N HIS B 134 -6.33 20.47 6.07
CA HIS B 134 -4.89 20.73 6.01
C HIS B 134 -4.73 22.09 5.32
N SER B 135 -4.62 23.15 6.12
CA SER B 135 -4.65 24.50 5.57
C SER B 135 -3.23 24.95 5.19
N ILE B 136 -3.14 25.62 4.04
CA ILE B 136 -1.87 25.88 3.37
C ILE B 136 -1.91 27.31 2.80
N LYS B 137 -0.97 28.15 3.20
CA LYS B 137 -0.92 29.52 2.69
C LYS B 137 -0.18 29.59 1.37
N ILE B 138 -0.86 30.07 0.32
CA ILE B 138 -0.19 30.37 -0.95
C ILE B 138 0.59 31.67 -0.79
N PRO B 139 1.92 31.67 -0.96
CA PRO B 139 2.68 32.91 -0.74
C PRO B 139 2.23 34.04 -1.66
N GLU B 140 2.26 35.27 -1.15
CA GLU B 140 1.85 36.44 -1.95
C GLU B 140 2.95 36.91 -2.89
N CYS B 141 4.20 36.52 -2.64
CA CYS B 141 5.34 37.11 -3.33
C CYS B 141 5.82 36.30 -4.51
N ILE B 142 5.18 35.17 -4.82
CA ILE B 142 5.63 34.33 -5.92
C ILE B 142 5.07 34.83 -7.25
N ALA B 143 5.68 34.35 -8.33
CA ALA B 143 5.21 34.66 -9.67
C ALA B 143 3.77 34.16 -9.86
N PRO B 144 2.95 34.90 -10.59
CA PRO B 144 1.60 34.42 -10.88
C PRO B 144 1.62 33.32 -11.92
N GLY B 145 0.50 32.62 -12.03
CA GLY B 145 0.31 31.65 -13.10
C GLY B 145 0.04 30.23 -12.67
N GLN B 146 0.32 29.29 -13.56
CA GLN B 146 -0.05 27.91 -13.32
CA GLN B 146 -0.01 27.88 -13.37
C GLN B 146 0.98 27.20 -12.44
N TYR B 147 0.46 26.45 -11.47
CA TYR B 147 1.25 25.72 -10.50
C TYR B 147 0.60 24.37 -10.22
N LEU B 148 1.41 23.41 -9.82
CA LEU B 148 0.95 22.23 -9.12
C LEU B 148 1.14 22.45 -7.63
N LEU B 149 0.16 22.00 -6.84
CA LEU B 149 0.25 21.99 -5.38
C LEU B 149 0.30 20.54 -4.92
N ARG B 150 1.41 20.16 -4.29
CA ARG B 150 1.62 18.81 -3.76
C ARG B 150 1.39 18.85 -2.25
N ALA B 151 0.31 18.21 -1.77
CA ALA B 151 0.03 18.12 -0.34
C ALA B 151 0.28 16.69 0.10
N GLU B 152 0.85 16.55 1.30
CA GLU B 152 1.42 15.27 1.72
C GLU B 152 1.24 15.05 3.21
N MET B 153 0.93 13.81 3.57
CA MET B 153 1.08 13.32 4.94
C MET B 153 2.00 12.11 4.91
N ILE B 154 2.95 12.06 5.85
CA ILE B 154 3.85 10.92 5.96
C ILE B 154 3.53 10.20 7.25
N ALA B 155 3.21 8.92 7.15
CA ALA B 155 2.96 8.09 8.33
C ALA B 155 4.24 7.34 8.69
N LEU B 156 4.64 7.41 9.97
CA LEU B 156 5.95 6.94 10.41
C LEU B 156 5.88 5.77 11.39
N HIS B 157 4.70 5.20 11.62
CA HIS B 157 4.57 4.11 12.59
C HIS B 157 5.34 2.86 12.17
N ALA B 158 5.65 2.68 10.89
CA ALA B 158 6.39 1.52 10.42
C ALA B 158 7.72 1.91 9.77
N ALA B 159 8.31 3.01 10.23
CA ALA B 159 9.45 3.62 9.54
C ALA B 159 10.79 3.37 10.22
N SER B 160 10.87 2.42 11.17
CA SER B 160 12.13 2.18 11.86
CA SER B 160 12.13 2.20 11.86
C SER B 160 13.24 1.83 10.89
N ASN B 161 12.92 1.13 9.81
CA ASN B 161 13.85 0.89 8.73
CA ASN B 161 13.81 0.81 8.72
C ASN B 161 13.27 1.42 7.43
N TYR B 162 14.14 1.54 6.43
CA TYR B 162 13.72 1.99 5.11
C TYR B 162 13.91 0.85 4.11
N PRO B 163 12.90 0.53 3.29
CA PRO B 163 11.60 1.18 3.19
C PRO B 163 10.71 0.91 4.39
N GLY B 164 9.84 1.86 4.73
CA GLY B 164 8.93 1.71 5.85
C GLY B 164 8.03 2.92 6.00
N ALA B 165 8.61 4.10 5.87
CA ALA B 165 7.83 5.33 5.88
C ALA B 165 6.78 5.27 4.78
N GLN B 166 5.60 5.82 5.06
CA GLN B 166 4.46 5.76 4.15
C GLN B 166 4.10 7.16 3.70
N PHE B 167 4.26 7.43 2.40
CA PHE B 167 4.07 8.77 1.83
C PHE B 167 2.74 8.81 1.09
N TYR B 168 1.85 9.69 1.55
CA TYR B 168 0.54 9.91 0.94
C TYR B 168 0.53 11.32 0.36
N MET B 169 0.39 11.44 -0.96
CA MET B 169 0.42 12.74 -1.60
C MET B 169 -0.51 12.78 -2.80
N GLU B 170 -1.02 13.97 -3.09
CA GLU B 170 -1.77 14.23 -4.29
C GLU B 170 -1.45 15.65 -4.75
N CYS B 171 -1.61 15.88 -6.06
CA CYS B 171 -1.31 17.16 -6.67
C CYS B 171 -2.59 17.83 -7.16
N ALA B 172 -2.77 19.08 -6.75
CA ALA B 172 -3.83 19.93 -7.25
C ALA B 172 -3.28 20.90 -8.30
N GLN B 173 -4.20 21.42 -9.12
CA GLN B 173 -3.88 22.24 -10.28
C GLN B 173 -4.39 23.65 -10.03
N LEU B 174 -3.45 24.62 -9.96
CA LEU B 174 -3.78 25.99 -9.55
C LEU B 174 -3.41 27.01 -10.62
N ASN B 175 -4.20 28.08 -10.66
CA ASN B 175 -3.84 29.32 -11.34
C ASN B 175 -3.74 30.41 -10.27
N VAL B 176 -2.51 30.81 -9.96
CA VAL B 176 -2.25 31.77 -8.89
C VAL B 176 -2.37 33.17 -9.46
N VAL B 177 -3.35 33.93 -8.97
CA VAL B 177 -3.61 35.30 -9.43
CA VAL B 177 -3.59 35.29 -9.45
C VAL B 177 -3.13 36.27 -8.38
N GLY B 178 -2.47 37.34 -8.82
CA GLY B 178 -2.04 38.40 -7.93
C GLY B 178 -0.67 38.21 -7.30
N GLY B 179 0.04 37.14 -7.63
CA GLY B 179 1.39 36.99 -7.13
C GLY B 179 2.27 38.10 -7.66
N THR B 180 3.11 38.65 -6.77
CA THR B 180 3.90 39.82 -7.14
C THR B 180 5.20 39.48 -7.84
N GLY B 181 5.65 38.22 -7.78
CA GLY B 181 6.95 37.88 -8.32
C GLY B 181 8.11 38.53 -7.60
N ALA B 182 7.89 39.09 -6.41
CA ALA B 182 8.95 39.77 -5.69
C ALA B 182 10.04 38.82 -5.21
N LYS B 183 9.79 37.51 -5.19
CA LYS B 183 10.76 36.59 -4.65
C LYS B 183 10.74 35.29 -5.42
N THR B 184 11.93 34.79 -5.76
CA THR B 184 12.08 33.57 -6.55
C THR B 184 12.55 32.45 -5.65
N PRO B 185 11.74 31.42 -5.42
CA PRO B 185 12.17 30.32 -4.55
C PRO B 185 13.28 29.48 -5.16
N SER B 186 14.17 29.01 -4.29
CA SER B 186 15.04 27.91 -4.65
CA SER B 186 15.04 27.91 -4.65
C SER B 186 14.24 26.61 -4.61
N THR B 187 14.58 25.69 -5.51
CA THR B 187 13.73 24.53 -5.71
C THR B 187 14.47 23.22 -5.55
N VAL B 188 13.69 22.16 -5.38
CA VAL B 188 14.17 20.78 -5.27
C VAL B 188 13.38 19.90 -6.22
N SER B 189 13.81 18.64 -6.35
CA SER B 189 13.22 17.68 -7.27
C SER B 189 12.46 16.59 -6.51
N PHE B 190 11.39 16.11 -7.12
CA PHE B 190 10.73 14.88 -6.69
C PHE B 190 10.69 13.95 -7.90
N PRO B 191 11.35 12.78 -7.87
CA PRO B 191 12.18 12.31 -6.76
C PRO B 191 13.48 13.06 -6.63
N GLY B 192 14.05 13.00 -5.42
CA GLY B 192 15.35 13.57 -5.14
C GLY B 192 15.45 14.23 -3.79
N ALA B 193 14.39 14.93 -3.38
CA ALA B 193 14.46 15.74 -2.18
C ALA B 193 14.46 14.89 -0.92
N TYR B 194 13.86 13.71 -0.98
CA TYR B 194 13.84 12.78 0.14
C TYR B 194 14.79 11.63 -0.12
N SER B 195 15.44 11.17 0.94
CA SER B 195 16.30 10.00 0.89
CA SER B 195 16.29 9.99 0.89
CA SER B 195 16.29 9.99 0.89
C SER B 195 15.87 9.01 1.96
N GLY B 196 16.06 7.73 1.68
CA GLY B 196 15.74 6.70 2.64
C GLY B 196 16.52 6.80 3.93
N SER B 197 17.64 7.53 3.93
CA SER B 197 18.45 7.72 5.13
C SER B 197 18.14 9.00 5.89
N ASP B 198 17.19 9.80 5.40
CA ASP B 198 16.86 11.07 6.07
C ASP B 198 16.43 10.81 7.51
N PRO B 199 16.77 11.71 8.44
CA PRO B 199 16.39 11.48 9.85
C PRO B 199 14.90 11.53 10.09
N GLY B 200 14.12 12.05 9.16
CA GLY B 200 12.68 12.05 9.28
C GLY B 200 12.01 10.99 8.47
N VAL B 201 12.76 10.14 7.80
CA VAL B 201 12.24 9.04 6.98
C VAL B 201 12.54 7.69 7.62
N LYS B 202 13.80 7.45 7.97
CA LYS B 202 14.19 6.29 8.78
C LYS B 202 14.18 6.73 10.24
N ILE B 203 13.19 6.27 11.00
CA ILE B 203 12.98 6.78 12.34
C ILE B 203 12.11 5.80 13.11
N SER B 204 12.51 5.52 14.34
CA SER B 204 11.69 4.78 15.29
CA SER B 204 11.69 4.78 15.30
C SER B 204 10.99 5.80 16.17
N ILE B 205 9.67 5.92 16.03
CA ILE B 205 8.96 6.92 16.80
C ILE B 205 8.57 6.41 18.18
N TYR B 206 8.86 5.16 18.50
CA TYR B 206 8.46 4.60 19.79
C TYR B 206 9.61 4.11 20.65
N TRP B 207 10.82 3.93 20.11
CA TRP B 207 11.90 3.29 20.87
C TRP B 207 13.25 3.92 20.56
N PRO B 208 13.63 4.98 21.29
CA PRO B 208 12.83 5.63 22.32
C PRO B 208 11.85 6.61 21.67
N PRO B 209 10.84 7.05 22.41
CA PRO B 209 9.93 8.06 21.87
C PRO B 209 10.72 9.32 21.51
N VAL B 210 10.37 9.94 20.39
CA VAL B 210 11.07 11.14 19.99
C VAL B 210 10.34 12.35 20.56
N THR B 211 11.12 13.39 20.88
CA THR B 211 10.57 14.67 21.29
C THR B 211 10.85 15.78 20.28
N SER B 212 11.61 15.47 19.24
CA SER B 212 11.86 16.40 18.15
CA SER B 212 11.88 16.39 18.15
C SER B 212 11.83 15.61 16.85
N TYR B 213 11.46 16.29 15.78
CA TYR B 213 11.36 15.64 14.48
C TYR B 213 11.84 16.58 13.38
N THR B 214 12.70 16.06 12.49
CA THR B 214 13.20 16.81 11.34
C THR B 214 12.37 16.45 10.12
N VAL B 215 11.47 17.34 9.72
CA VAL B 215 10.66 17.12 8.51
C VAL B 215 11.58 17.01 7.31
N PRO B 216 11.41 16.00 6.45
CA PRO B 216 12.27 15.89 5.26
C PRO B 216 12.03 17.04 4.29
N GLY B 217 13.00 17.22 3.41
CA GLY B 217 12.91 18.22 2.37
C GLY B 217 13.50 19.54 2.81
N PRO B 218 13.38 20.53 1.94
CA PRO B 218 14.00 21.84 2.18
C PRO B 218 13.24 22.66 3.21
N SER B 219 13.86 23.77 3.60
CA SER B 219 13.18 24.68 4.51
CA SER B 219 13.18 24.68 4.51
C SER B 219 11.95 25.30 3.84
N VAL B 220 11.02 25.74 4.69
CA VAL B 220 9.79 26.37 4.20
C VAL B 220 10.13 27.72 3.58
N PHE B 221 9.65 27.94 2.36
CA PHE B 221 9.79 29.23 1.70
C PHE B 221 8.92 30.29 2.36
N THR B 222 9.50 31.46 2.61
CA THR B 222 8.77 32.59 3.17
C THR B 222 9.07 33.85 2.37
N CYS B 223 8.08 34.73 2.32
CA CYS B 223 8.22 35.99 1.61
C CYS B 223 9.06 36.96 2.44
#